data_5A0N
#
_entry.id   5A0N
#
_cell.length_a   59.860
_cell.length_b   59.860
_cell.length_c   121.660
_cell.angle_alpha   90.00
_cell.angle_beta   90.00
_cell.angle_gamma   90.00
#
_symmetry.space_group_name_H-M   'P 41 21 2'
#
loop_
_entity.id
_entity.type
_entity.pdbx_description
1 polymer 'PROTEIN F2 LIKE FIBRONECTIN-BINDING PROTEIN'
2 non-polymer '2-(N-MORPHOLINO)-ETHANESULFONIC ACID'
3 non-polymer GLYCEROL
4 water water
#
_entity_poly.entity_id   1
_entity_poly.type   'polypeptide(L)'
_entity_poly.pdbx_seq_one_letter_code
;GAMGGFPNDAKGISGNGKYYSLGQIEKLYSNQFATYNNLTVITSDTHENSDNFAFCLANGKRFPSFTDEKPKGIYTLVKD
INKEQYTKLLKENHKWSSIPNLNQAWDTFSRLSYMYLKDPTDIVKRAWGTDLNTARTYFHQVIQYEIWRYTDGMRVSSDT
NVYIYEKFSPQQKKALEMIRTDLYNFTVPYENLEYRFYKPDWVFGLGFQALATVRWKIEP
;
_entity_poly.pdbx_strand_id   A
#
loop_
_chem_comp.id
_chem_comp.type
_chem_comp.name
_chem_comp.formula
GOL non-polymer GLYCEROL 'C3 H8 O3'
MES non-polymer '2-(N-MORPHOLINO)-ETHANESULFONIC ACID' 'C6 H13 N O4 S'
#
# COMPACT_ATOMS: atom_id res chain seq x y z
N GLY A 4 -3.50 11.98 -14.40
CA GLY A 4 -3.37 11.94 -12.91
C GLY A 4 -3.10 10.55 -12.36
N GLY A 5 -2.43 10.49 -11.22
CA GLY A 5 -2.10 9.21 -10.62
C GLY A 5 -0.89 8.53 -11.19
N PHE A 6 -0.63 7.36 -10.68
CA PHE A 6 0.52 6.57 -11.03
C PHE A 6 0.05 5.22 -11.57
N PRO A 7 0.11 5.02 -12.90
CA PRO A 7 -0.35 3.77 -13.44
C PRO A 7 0.31 2.49 -12.89
N ASN A 8 -0.54 1.48 -12.85
CA ASN A 8 -0.08 0.18 -12.50
C ASN A 8 -0.32 -0.75 -13.67
N ASP A 9 0.66 -0.75 -14.57
CA ASP A 9 0.57 -1.45 -15.84
C ASP A 9 1.46 -2.69 -15.88
N ALA A 10 1.89 -3.14 -14.71
CA ALA A 10 2.71 -4.34 -14.63
C ALA A 10 1.90 -5.58 -14.99
N LYS A 11 2.56 -6.57 -15.59
CA LYS A 11 1.86 -7.78 -16.05
C LYS A 11 2.57 -9.09 -15.68
N GLY A 12 3.60 -9.03 -14.83
CA GLY A 12 4.29 -10.23 -14.42
C GLY A 12 3.36 -11.20 -13.69
N ILE A 13 3.43 -12.47 -14.09
CA ILE A 13 2.77 -13.56 -13.41
C ILE A 13 3.80 -14.65 -13.15
N SER A 14 3.94 -15.08 -11.90
CA SER A 14 4.96 -16.05 -11.51
C SER A 14 4.56 -17.45 -11.91
N GLY A 15 5.49 -18.21 -12.47
CA GLY A 15 5.21 -19.58 -12.82
C GLY A 15 4.85 -20.47 -11.65
N ASN A 16 5.34 -20.15 -10.46
CA ASN A 16 5.06 -20.93 -9.25
C ASN A 16 4.04 -20.28 -8.35
N GLY A 17 3.46 -19.17 -8.77
CA GLY A 17 2.48 -18.46 -7.96
C GLY A 17 3.03 -17.69 -6.78
N LYS A 18 4.37 -17.58 -6.69
CA LYS A 18 5.00 -16.86 -5.58
C LYS A 18 5.62 -15.54 -6.03
N TYR A 19 5.54 -14.57 -5.12
CA TYR A 19 5.93 -13.19 -5.39
C TYR A 19 6.75 -12.64 -4.22
N TYR A 20 7.63 -11.70 -4.52
CA TYR A 20 8.46 -11.01 -3.55
C TYR A 20 8.09 -9.52 -3.61
N SER A 21 8.51 -8.77 -2.59
CA SER A 21 8.36 -7.32 -2.64
C SER A 21 9.68 -6.61 -2.36
N LEU A 22 9.87 -5.48 -3.03
CA LEU A 22 11.01 -4.62 -2.84
C LEU A 22 10.95 -3.86 -1.53
N GLY A 23 9.80 -3.85 -0.86
CA GLY A 23 9.69 -3.23 0.43
C GLY A 23 9.25 -1.80 0.41
N GLN A 24 9.15 -1.23 1.60
CA GLN A 24 8.79 0.18 1.77
C GLN A 24 10.10 0.98 1.72
N ILE A 25 10.76 1.26 2.85
CA ILE A 25 12.09 1.86 2.79
C ILE A 25 13.08 0.73 3.02
N GLU A 26 13.74 0.30 1.93
CA GLU A 26 14.66 -0.84 2.01
C GLU A 26 15.79 -0.63 1.01
N LYS A 27 16.92 -1.23 1.32
CA LYS A 27 18.01 -1.36 0.34
C LYS A 27 17.66 -2.43 -0.68
N LEU A 28 17.93 -2.14 -1.96
N LEU A 28 17.93 -2.13 -1.94
CA LEU A 28 17.98 -3.21 -2.96
CA LEU A 28 17.98 -3.17 -2.96
C LEU A 28 19.30 -3.97 -2.87
C LEU A 28 19.29 -3.95 -2.87
N TYR A 29 20.37 -3.27 -2.49
CA TYR A 29 21.70 -3.88 -2.35
C TYR A 29 22.27 -3.34 -1.04
N SER A 30 22.84 -4.25 -0.25
CA SER A 30 23.18 -3.97 1.14
C SER A 30 24.26 -2.92 1.35
N ASN A 31 25.09 -2.65 0.34
CA ASN A 31 26.07 -1.60 0.48
C ASN A 31 25.61 -0.22 0.07
N GLN A 32 24.35 -0.10 -0.37
CA GLN A 32 23.80 1.17 -0.82
C GLN A 32 22.89 1.80 0.23
N PHE A 33 22.62 3.08 0.06
CA PHE A 33 21.56 3.72 0.83
C PHE A 33 20.21 3.11 0.51
N ALA A 34 19.36 2.95 1.53
CA ALA A 34 18.00 2.52 1.32
C ALA A 34 17.24 3.51 0.47
N THR A 35 16.26 2.98 -0.27
CA THR A 35 15.38 3.75 -1.11
C THR A 35 13.92 3.44 -0.73
N TYR A 36 13.03 4.35 -1.08
CA TYR A 36 11.59 4.15 -0.93
C TYR A 36 11.09 3.42 -2.17
N ASN A 37 10.60 2.19 -2.00
CA ASN A 37 10.39 1.28 -3.12
C ASN A 37 8.93 0.96 -3.43
N ASN A 38 7.99 1.65 -2.76
CA ASN A 38 6.56 1.58 -3.07
C ASN A 38 5.95 0.21 -2.89
N LEU A 39 6.63 -0.68 -2.18
CA LEU A 39 6.19 -2.07 -2.02
C LEU A 39 5.93 -2.74 -3.35
N THR A 40 6.70 -2.34 -4.37
CA THR A 40 6.61 -3.02 -5.66
C THR A 40 6.67 -4.53 -5.48
N VAL A 41 5.82 -5.25 -6.20
CA VAL A 41 5.76 -6.71 -6.10
C VAL A 41 6.30 -7.26 -7.41
N ILE A 42 7.15 -8.28 -7.29
CA ILE A 42 7.83 -8.93 -8.41
C ILE A 42 7.59 -10.43 -8.40
N THR A 43 7.69 -11.04 -9.58
CA THR A 43 7.60 -12.47 -9.70
C THR A 43 8.83 -13.11 -9.06
N SER A 44 8.64 -14.27 -8.44
CA SER A 44 9.76 -14.98 -7.77
C SER A 44 10.74 -15.54 -8.77
N ASP A 45 10.32 -15.79 -10.00
CA ASP A 45 11.16 -16.45 -10.97
C ASP A 45 11.95 -15.45 -11.84
N THR A 46 11.23 -14.60 -12.55
CA THR A 46 11.83 -13.67 -13.46
C THR A 46 12.12 -12.30 -12.86
N HIS A 47 11.58 -12.01 -11.68
CA HIS A 47 11.77 -10.71 -11.01
C HIS A 47 11.17 -9.58 -11.84
N GLU A 48 10.11 -9.92 -12.58
CA GLU A 48 9.29 -8.97 -13.38
CA GLU A 48 9.36 -8.92 -13.31
C GLU A 48 8.29 -8.33 -12.40
N ASN A 49 8.09 -7.01 -12.46
N ASN A 49 8.06 -7.02 -12.57
CA ASN A 49 7.01 -6.50 -11.64
CA ASN A 49 6.93 -6.34 -11.90
C ASN A 49 5.70 -7.16 -12.01
C ASN A 49 5.63 -7.13 -12.08
N SER A 50 4.98 -7.52 -10.98
CA SER A 50 3.59 -8.00 -11.06
C SER A 50 2.62 -6.87 -10.73
N ASP A 51 3.03 -5.96 -9.85
CA ASP A 51 2.25 -4.75 -9.50
C ASP A 51 3.26 -3.67 -9.14
N ASN A 52 3.10 -2.52 -9.78
CA ASN A 52 4.12 -1.47 -9.65
C ASN A 52 4.21 -0.93 -8.24
N PHE A 53 3.15 -1.02 -7.46
CA PHE A 53 3.14 -0.58 -6.08
C PHE A 53 2.17 -1.49 -5.34
N ALA A 54 2.24 -1.43 -4.02
CA ALA A 54 1.27 -2.10 -3.16
C ALA A 54 1.28 -1.38 -1.82
N PHE A 55 0.35 -1.77 -0.93
CA PHE A 55 0.25 -1.18 0.39
C PHE A 55 0.22 -2.29 1.43
N CYS A 56 0.99 -2.07 2.51
CA CYS A 56 1.03 -2.98 3.64
C CYS A 56 -0.24 -2.82 4.47
N LEU A 57 -0.80 -3.97 4.87
CA LEU A 57 -2.07 -3.97 5.59
C LEU A 57 -1.97 -4.22 7.08
N ALA A 58 -0.76 -4.35 7.61
CA ALA A 58 -0.57 -4.68 9.03
C ALA A 58 0.73 -4.08 9.50
N ASN A 59 0.64 -2.92 10.12
CA ASN A 59 1.83 -2.20 10.52
C ASN A 59 2.64 -2.82 11.63
N GLY A 60 2.05 -3.81 12.31
CA GLY A 60 2.69 -4.48 13.43
C GLY A 60 3.28 -5.83 13.12
N LYS A 61 3.28 -6.19 11.83
CA LYS A 61 3.86 -7.46 11.37
C LYS A 61 5.18 -7.20 10.68
N ARG A 62 5.84 -8.27 10.25
CA ARG A 62 7.11 -8.10 9.55
C ARG A 62 6.85 -7.53 8.16
N PHE A 63 7.78 -6.70 7.69
CA PHE A 63 7.68 -6.09 6.37
C PHE A 63 8.59 -6.83 5.40
N PRO A 64 8.16 -6.95 4.16
CA PRO A 64 8.96 -7.70 3.17
C PRO A 64 10.08 -6.88 2.58
N SER A 65 11.08 -7.60 2.05
CA SER A 65 12.20 -6.93 1.41
C SER A 65 12.89 -7.92 0.46
N PHE A 66 13.83 -7.37 -0.31
CA PHE A 66 14.52 -8.12 -1.35
C PHE A 66 15.96 -7.65 -1.45
N THR A 67 16.58 -7.38 -0.32
CA THR A 67 17.95 -6.88 -0.33
C THR A 67 18.92 -7.95 -0.84
N ASP A 68 19.82 -7.56 -1.75
CA ASP A 68 20.78 -8.49 -2.33
C ASP A 68 20.07 -9.68 -2.98
N GLU A 69 18.87 -9.42 -3.49
CA GLU A 69 18.05 -10.47 -4.14
C GLU A 69 17.76 -11.66 -3.23
N LYS A 70 17.69 -11.41 -1.93
CA LYS A 70 17.32 -12.45 -0.97
C LYS A 70 15.92 -12.07 -0.46
N PRO A 71 14.91 -12.87 -0.79
CA PRO A 71 13.56 -12.46 -0.37
C PRO A 71 13.36 -12.66 1.14
N LYS A 72 12.69 -11.69 1.75
CA LYS A 72 12.10 -11.85 3.08
C LYS A 72 10.65 -11.48 2.87
N GLY A 73 9.76 -12.46 3.06
CA GLY A 73 8.33 -12.29 2.80
C GLY A 73 7.99 -12.73 1.41
N ILE A 74 7.30 -13.87 1.33
CA ILE A 74 6.96 -14.48 0.07
C ILE A 74 5.44 -14.61 0.04
N TYR A 75 4.86 -14.25 -1.09
CA TYR A 75 3.42 -14.05 -1.22
C TYR A 75 2.81 -14.88 -2.33
N THR A 76 1.52 -15.20 -2.16
CA THR A 76 0.66 -15.65 -3.24
C THR A 76 -0.35 -14.54 -3.57
N LEU A 77 -0.92 -14.63 -4.75
CA LEU A 77 -1.79 -13.60 -5.30
C LEU A 77 -3.25 -14.05 -5.37
N VAL A 78 -4.14 -13.19 -4.87
CA VAL A 78 -5.57 -13.35 -5.07
C VAL A 78 -6.01 -12.18 -5.98
N LYS A 79 -6.52 -12.53 -7.15
CA LYS A 79 -6.92 -11.55 -8.16
C LYS A 79 -8.37 -11.10 -7.98
N ASP A 80 -8.65 -9.88 -8.41
CA ASP A 80 -9.99 -9.36 -8.59
C ASP A 80 -10.86 -9.54 -7.34
N ILE A 81 -10.36 -9.00 -6.24
CA ILE A 81 -11.04 -9.16 -4.98
C ILE A 81 -12.22 -8.19 -4.83
N ASN A 82 -13.14 -8.58 -3.97
CA ASN A 82 -14.27 -7.73 -3.59
C ASN A 82 -14.27 -7.46 -2.08
N LYS A 83 -15.29 -6.75 -1.59
CA LYS A 83 -15.37 -6.36 -0.19
C LYS A 83 -15.24 -7.55 0.75
N GLU A 84 -15.99 -8.60 0.47
CA GLU A 84 -16.01 -9.77 1.36
C GLU A 84 -14.67 -10.46 1.39
N GLN A 85 -14.04 -10.63 0.23
CA GLN A 85 -12.75 -11.29 0.21
C GLN A 85 -11.66 -10.45 0.90
N TYR A 86 -11.64 -9.16 0.59
CA TYR A 86 -10.69 -8.27 1.25
C TYR A 86 -10.84 -8.35 2.77
N THR A 87 -12.08 -8.27 3.23
CA THR A 87 -12.34 -8.17 4.68
C THR A 87 -11.86 -9.47 5.35
N LYS A 88 -12.19 -10.60 4.75
CA LYS A 88 -11.79 -11.90 5.27
C LYS A 88 -10.28 -12.00 5.37
N LEU A 89 -9.59 -11.62 4.29
CA LEU A 89 -8.14 -11.80 4.22
C LEU A 89 -7.41 -10.80 5.10
N LEU A 90 -7.96 -9.60 5.20
CA LEU A 90 -7.40 -8.59 6.11
C LEU A 90 -7.51 -9.12 7.57
N LYS A 91 -8.71 -9.58 7.94
CA LYS A 91 -8.91 -10.06 9.29
C LYS A 91 -7.97 -11.25 9.62
N GLU A 92 -7.77 -12.13 8.66
CA GLU A 92 -6.88 -13.26 8.82
C GLU A 92 -5.45 -12.82 9.10
N ASN A 93 -5.05 -11.70 8.50
CA ASN A 93 -3.71 -11.16 8.72
C ASN A 93 -3.60 -10.37 10.04
N HIS A 94 -4.69 -10.14 10.74
CA HIS A 94 -4.72 -9.48 12.03
C HIS A 94 -5.37 -10.42 13.12
N LYS A 95 -4.92 -11.66 13.23
CA LYS A 95 -5.50 -12.58 14.20
C LYS A 95 -5.40 -12.07 15.65
N TRP A 96 -4.32 -11.36 15.97
CA TRP A 96 -4.05 -10.90 17.35
C TRP A 96 -4.25 -9.41 17.58
N SER A 97 -4.86 -8.73 16.61
CA SER A 97 -5.22 -7.32 16.75
C SER A 97 -6.64 -7.11 16.19
N SER A 98 -7.32 -6.12 16.73
CA SER A 98 -8.62 -5.79 16.24
C SER A 98 -8.42 -4.63 15.29
N ILE A 99 -9.17 -4.69 14.22
CA ILE A 99 -9.21 -3.62 13.25
C ILE A 99 -10.32 -2.68 13.64
N PRO A 100 -10.01 -1.37 13.85
N PRO A 100 -10.05 -1.39 13.73
CA PRO A 100 -10.99 -0.36 14.29
CA PRO A 100 -11.10 -0.50 14.16
C PRO A 100 -11.95 -0.01 13.17
C PRO A 100 -12.50 -0.87 13.62
N ASN A 101 -13.24 0.10 13.43
N ASN A 101 -12.65 -1.07 12.31
CA ASN A 101 -14.20 0.31 12.34
CA ASN A 101 -13.97 -1.25 11.70
C ASN A 101 -13.98 -0.66 11.17
C ASN A 101 -13.90 -2.15 10.47
N LEU A 102 -13.89 -1.94 11.51
N LEU A 102 -14.15 -3.45 10.65
CA LEU A 102 -13.67 -3.00 10.54
CA LEU A 102 -14.15 -4.41 9.57
C LEU A 102 -14.70 -2.97 9.40
C LEU A 102 -15.19 -4.07 8.54
N ASN A 103 -15.94 -2.59 9.73
N ASN A 103 -16.22 -3.35 8.97
CA ASN A 103 -17.03 -2.60 8.73
CA ASN A 103 -17.23 -2.93 8.06
C ASN A 103 -16.69 -1.87 7.42
C ASN A 103 -16.78 -1.75 7.17
N GLN A 104 -15.89 -0.84 7.63
CA GLN A 104 -15.45 0.21 6.75
C GLN A 104 -14.07 -0.01 6.14
N ALA A 105 -13.41 -1.13 6.49
CA ALA A 105 -12.01 -1.33 6.08
C ALA A 105 -11.84 -1.43 4.57
N TRP A 106 -12.77 -2.09 3.89
CA TRP A 106 -12.72 -2.12 2.43
C TRP A 106 -12.88 -0.73 1.83
N ASP A 107 -13.80 0.05 2.39
CA ASP A 107 -14.07 1.38 1.87
C ASP A 107 -12.81 2.25 1.94
N THR A 108 -12.16 2.27 3.09
CA THR A 108 -10.98 3.12 3.21
C THR A 108 -9.80 2.62 2.39
N PHE A 109 -9.54 1.31 2.40
CA PHE A 109 -8.43 0.80 1.61
C PHE A 109 -8.68 1.01 0.13
N SER A 110 -9.87 0.68 -0.34
CA SER A 110 -10.13 0.77 -1.76
C SER A 110 -10.11 2.22 -2.23
N ARG A 111 -10.60 3.14 -1.40
CA ARG A 111 -10.52 4.57 -1.71
C ARG A 111 -9.08 5.10 -1.73
N LEU A 112 -8.32 4.79 -0.69
CA LEU A 112 -7.00 5.36 -0.54
C LEU A 112 -6.05 4.81 -1.65
N SER A 113 -6.10 3.51 -1.90
CA SER A 113 -5.31 2.95 -2.98
C SER A 113 -5.71 3.53 -4.33
N TYR A 114 -7.01 3.75 -4.55
CA TYR A 114 -7.45 4.40 -5.79
C TYR A 114 -6.95 5.84 -5.87
N MET A 115 -6.86 6.52 -4.75
N MET A 115 -6.88 6.54 -4.74
CA MET A 115 -6.34 7.87 -4.80
CA MET A 115 -6.31 7.88 -4.71
C MET A 115 -4.87 7.90 -5.23
C MET A 115 -4.86 7.88 -5.25
N TYR A 116 -4.08 6.86 -4.92
CA TYR A 116 -2.75 6.74 -5.43
C TYR A 116 -2.76 6.40 -6.92
N LEU A 117 -3.59 5.45 -7.33
CA LEU A 117 -3.65 5.03 -8.73
C LEU A 117 -4.10 6.15 -9.66
N LYS A 118 -5.15 6.87 -9.26
CA LYS A 118 -5.87 7.78 -10.17
C LYS A 118 -5.89 9.23 -9.69
N ASP A 119 -5.84 9.45 -8.40
CA ASP A 119 -5.86 10.81 -7.81
C ASP A 119 -7.06 11.62 -8.35
N PRO A 120 -8.29 11.16 -8.04
CA PRO A 120 -9.51 11.77 -8.61
C PRO A 120 -9.68 13.22 -8.20
N THR A 121 -9.11 13.65 -7.07
CA THR A 121 -9.27 15.03 -6.60
C THR A 121 -8.00 15.86 -6.79
N ASP A 122 -7.03 15.34 -7.56
CA ASP A 122 -5.84 16.12 -7.93
C ASP A 122 -5.08 16.65 -6.71
N ILE A 123 -4.82 15.74 -5.78
CA ILE A 123 -4.00 16.05 -4.63
C ILE A 123 -2.57 16.30 -5.05
N VAL A 124 -2.05 15.45 -5.94
CA VAL A 124 -0.63 15.59 -6.31
C VAL A 124 -0.33 16.94 -6.95
N LYS A 125 -1.17 17.40 -7.88
CA LYS A 125 -0.96 18.72 -8.48
C LYS A 125 -0.94 19.81 -7.41
N ARG A 126 -1.85 19.72 -6.45
CA ARG A 126 -1.92 20.77 -5.42
C ARG A 126 -0.74 20.72 -4.44
N ALA A 127 -0.25 19.52 -4.12
CA ALA A 127 0.80 19.38 -3.11
C ALA A 127 2.22 19.44 -3.67
N TRP A 128 2.42 18.81 -4.82
CA TRP A 128 3.75 18.73 -5.47
C TRP A 128 3.84 19.48 -6.79
N GLY A 129 2.74 19.98 -7.32
CA GLY A 129 2.77 20.69 -8.60
C GLY A 129 3.17 19.68 -9.67
N THR A 130 4.20 20.05 -10.43
CA THR A 130 4.68 19.25 -11.55
C THR A 130 5.76 18.24 -11.15
N ASP A 131 6.11 18.17 -9.87
CA ASP A 131 7.19 17.30 -9.44
C ASP A 131 6.67 15.88 -9.17
N LEU A 132 6.36 15.20 -10.27
CA LEU A 132 5.80 13.86 -10.21
C LEU A 132 6.83 12.84 -9.75
N ASN A 133 8.10 13.06 -10.06
CA ASN A 133 9.12 12.15 -9.58
C ASN A 133 9.15 12.08 -8.04
N THR A 134 9.12 13.23 -7.38
CA THR A 134 9.08 13.24 -5.92
C THR A 134 7.76 12.64 -5.43
N ALA A 135 6.63 13.05 -6.03
CA ALA A 135 5.33 12.59 -5.59
C ALA A 135 5.17 11.09 -5.68
N ARG A 136 5.82 10.46 -6.66
CA ARG A 136 5.63 9.02 -6.85
C ARG A 136 5.88 8.22 -5.59
N THR A 137 6.91 8.58 -4.83
CA THR A 137 7.18 7.89 -3.56
C THR A 137 6.61 8.64 -2.37
N TYR A 138 6.72 9.97 -2.35
CA TYR A 138 6.28 10.71 -1.15
C TYR A 138 4.75 10.64 -0.97
N PHE A 139 4.00 10.59 -2.06
CA PHE A 139 2.54 10.42 -1.95
C PHE A 139 2.20 8.98 -1.56
N HIS A 140 2.96 7.99 -2.07
CA HIS A 140 2.75 6.61 -1.62
C HIS A 140 2.84 6.56 -0.09
N GLN A 141 3.87 7.21 0.46
CA GLN A 141 4.11 7.10 1.89
C GLN A 141 2.94 7.69 2.70
N VAL A 142 2.41 8.87 2.32
N VAL A 142 2.43 8.86 2.28
CA VAL A 142 1.28 9.41 3.11
CA VAL A 142 1.30 9.46 3.00
C VAL A 142 0.01 8.58 2.94
C VAL A 142 0.06 8.59 2.91
N ILE A 143 -0.24 8.09 1.74
CA ILE A 143 -1.35 7.17 1.54
C ILE A 143 -1.18 5.93 2.44
N GLN A 144 0.03 5.40 2.52
CA GLN A 144 0.29 4.24 3.34
C GLN A 144 -0.03 4.50 4.81
N TYR A 145 0.43 5.62 5.34
CA TYR A 145 0.14 5.95 6.73
C TYR A 145 -1.37 6.10 6.95
N GLU A 146 -2.10 6.65 5.99
CA GLU A 146 -3.53 6.77 6.18
C GLU A 146 -4.24 5.43 6.06
N ILE A 147 -3.72 4.51 5.23
CA ILE A 147 -4.23 3.15 5.26
C ILE A 147 -4.09 2.55 6.66
N TRP A 148 -2.92 2.74 7.27
CA TRP A 148 -2.65 2.23 8.61
C TRP A 148 -3.48 2.90 9.70
N ARG A 149 -3.96 4.12 9.46
CA ARG A 149 -4.93 4.72 10.40
C ARG A 149 -6.11 3.78 10.57
N TYR A 150 -6.54 3.19 9.47
CA TYR A 150 -7.71 2.32 9.45
C TYR A 150 -7.44 0.86 9.68
N THR A 151 -6.25 0.32 9.30
CA THR A 151 -5.96 -1.06 9.58
C THR A 151 -5.50 -1.26 11.03
N ASP A 152 -4.85 -0.24 11.58
CA ASP A 152 -4.09 -0.40 12.83
C ASP A 152 -4.26 0.75 13.85
N GLY A 153 -5.09 1.73 13.52
CA GLY A 153 -5.27 2.88 14.41
C GLY A 153 -4.11 3.85 14.41
N MET A 154 -3.24 3.81 13.40
CA MET A 154 -2.07 4.67 13.33
C MET A 154 -2.40 6.00 12.67
N ARG A 155 -3.00 6.88 13.45
CA ARG A 155 -3.34 8.23 13.00
C ARG A 155 -2.13 9.13 13.24
N VAL A 156 -1.66 9.75 12.17
CA VAL A 156 -0.51 10.62 12.24
C VAL A 156 -0.94 12.07 12.10
N SER A 157 -0.45 12.91 13.02
CA SER A 157 -0.76 14.34 13.02
C SER A 157 0.30 15.10 13.81
N SER A 158 0.14 16.42 13.91
CA SER A 158 1.13 17.21 14.66
C SER A 158 1.14 16.90 16.15
N ASP A 159 0.12 16.20 16.69
CA ASP A 159 0.13 15.79 18.10
C ASP A 159 -0.04 14.30 18.36
N THR A 160 -0.03 13.49 17.30
CA THR A 160 -0.25 12.04 17.44
C THR A 160 0.70 11.33 16.50
N ASN A 161 1.46 10.37 17.02
CA ASN A 161 2.53 9.74 16.24
C ASN A 161 3.45 10.82 15.64
N VAL A 162 3.83 11.75 16.51
CA VAL A 162 4.68 12.87 16.10
C VAL A 162 6.01 12.42 15.51
N TYR A 163 6.55 11.29 15.98
CA TYR A 163 7.82 10.82 15.42
C TYR A 163 7.75 10.53 13.92
N ILE A 164 6.57 10.18 13.45
CA ILE A 164 6.36 9.99 12.02
C ILE A 164 6.06 11.34 11.37
N TYR A 165 5.13 12.09 11.95
CA TYR A 165 4.70 13.34 11.35
C TYR A 165 5.86 14.28 11.08
N GLU A 166 6.79 14.36 12.02
CA GLU A 166 7.88 15.32 11.93
C GLU A 166 8.86 14.94 10.80
N LYS A 167 8.81 13.70 10.33
CA LYS A 167 9.63 13.28 9.19
C LYS A 167 9.01 13.63 7.85
N PHE A 168 7.73 13.97 7.84
CA PHE A 168 7.05 14.30 6.60
C PHE A 168 7.58 15.63 6.04
N SER A 169 7.67 15.71 4.72
CA SER A 169 8.00 16.96 4.05
C SER A 169 6.80 17.90 4.16
N PRO A 170 7.01 19.20 3.93
CA PRO A 170 5.87 20.12 3.91
C PRO A 170 4.80 19.70 2.89
N GLN A 171 5.22 19.21 1.73
CA GLN A 171 4.27 18.77 0.68
C GLN A 171 3.49 17.56 1.16
N GLN A 172 4.15 16.63 1.86
CA GLN A 172 3.42 15.49 2.45
C GLN A 172 2.37 15.91 3.45
N LYS A 173 2.73 16.86 4.30
CA LYS A 173 1.78 17.35 5.30
C LYS A 173 0.54 17.95 4.62
N LYS A 174 0.76 18.73 3.56
CA LYS A 174 -0.36 19.30 2.80
C LYS A 174 -1.19 18.18 2.17
N ALA A 175 -0.52 17.21 1.56
CA ALA A 175 -1.23 16.11 0.93
C ALA A 175 -2.08 15.34 1.94
N LEU A 176 -1.58 15.14 3.14
CA LEU A 176 -2.35 14.40 4.16
C LEU A 176 -3.65 15.14 4.49
N GLU A 177 -3.59 16.46 4.56
CA GLU A 177 -4.80 17.25 4.83
C GLU A 177 -5.79 17.14 3.69
N MET A 178 -5.28 17.12 2.46
CA MET A 178 -6.15 16.93 1.31
C MET A 178 -6.77 15.54 1.28
N ILE A 179 -5.97 14.51 1.54
CA ILE A 179 -6.50 13.15 1.66
C ILE A 179 -7.66 13.13 2.67
N ARG A 180 -7.44 13.73 3.84
CA ARG A 180 -8.44 13.66 4.91
C ARG A 180 -9.70 14.42 4.55
N THR A 181 -9.59 15.50 3.78
CA THR A 181 -10.75 16.25 3.32
C THR A 181 -11.49 15.53 2.21
N ASP A 182 -10.75 14.84 1.33
CA ASP A 182 -11.29 14.35 0.07
C ASP A 182 -11.71 12.89 0.05
N LEU A 183 -11.39 12.15 1.11
CA LEU A 183 -11.52 10.69 1.12
C LEU A 183 -12.87 10.15 0.62
N TYR A 184 -13.95 10.79 1.05
N TYR A 184 -13.98 10.77 1.02
CA TYR A 184 -15.29 10.30 0.77
CA TYR A 184 -15.31 10.29 0.63
C TYR A 184 -15.95 11.08 -0.37
C TYR A 184 -15.96 11.11 -0.45
N ASN A 185 -15.24 12.03 -0.99
N ASN A 185 -15.22 12.02 -1.07
CA ASN A 185 -15.84 12.97 -1.94
CA ASN A 185 -15.83 12.96 -1.99
C ASN A 185 -15.59 12.56 -3.42
C ASN A 185 -15.64 12.56 -3.45
N PHE A 186 -15.81 11.28 -3.73
CA PHE A 186 -15.76 10.75 -5.08
C PHE A 186 -16.36 9.33 -5.05
N THR A 187 -16.72 8.83 -6.22
CA THR A 187 -17.19 7.47 -6.36
C THR A 187 -16.03 6.62 -6.88
N VAL A 188 -15.84 5.46 -6.28
CA VAL A 188 -14.83 4.51 -6.74
C VAL A 188 -15.45 3.67 -7.84
N PRO A 189 -14.83 3.61 -9.04
CA PRO A 189 -15.40 2.88 -10.17
C PRO A 189 -15.02 1.39 -10.15
N TYR A 190 -15.54 0.68 -9.17
CA TYR A 190 -15.16 -0.71 -8.94
C TYR A 190 -15.23 -1.60 -10.20
N GLU A 191 -16.24 -1.40 -11.05
CA GLU A 191 -16.43 -2.26 -12.21
C GLU A 191 -15.26 -2.11 -13.20
N ASN A 192 -14.49 -1.01 -13.10
CA ASN A 192 -13.37 -0.75 -13.97
C ASN A 192 -12.01 -1.03 -13.37
N LEU A 193 -12.02 -1.52 -12.14
CA LEU A 193 -10.78 -1.74 -11.37
C LEU A 193 -10.63 -3.21 -11.00
N GLU A 194 -9.37 -3.61 -10.88
CA GLU A 194 -9.01 -4.89 -10.29
C GLU A 194 -8.22 -4.65 -9.05
N TYR A 195 -8.81 -4.95 -7.90
CA TYR A 195 -8.09 -4.99 -6.63
C TYR A 195 -7.45 -6.36 -6.46
N ARG A 196 -6.29 -6.38 -5.83
CA ARG A 196 -5.51 -7.60 -5.68
C ARG A 196 -5.03 -7.70 -4.25
N PHE A 197 -4.97 -8.93 -3.74
CA PHE A 197 -4.45 -9.20 -2.39
C PHE A 197 -3.25 -10.12 -2.48
N TYR A 198 -2.17 -9.77 -1.77
CA TYR A 198 -1.02 -10.67 -1.67
C TYR A 198 -0.99 -11.24 -0.26
N LYS A 199 -1.22 -12.56 -0.20
CA LYS A 199 -1.31 -13.29 1.06
C LYS A 199 0.07 -13.79 1.42
N PRO A 200 0.57 -13.49 2.62
CA PRO A 200 1.92 -13.93 2.95
C PRO A 200 1.96 -15.43 3.29
N ASP A 201 2.93 -16.14 2.74
CA ASP A 201 3.20 -17.53 3.14
C ASP A 201 3.49 -17.57 4.63
N TRP A 202 3.04 -18.62 5.29
CA TRP A 202 3.33 -18.81 6.70
C TRP A 202 4.84 -18.90 6.96
N VAL A 203 5.28 -18.27 8.05
CA VAL A 203 6.61 -18.48 8.61
C VAL A 203 6.47 -18.63 10.12
N PHE A 204 7.47 -19.23 10.78
CA PHE A 204 7.46 -19.34 12.23
C PHE A 204 7.52 -17.96 12.85
N GLY A 205 6.76 -17.74 13.92
CA GLY A 205 6.84 -16.49 14.68
C GLY A 205 5.83 -15.48 14.19
N LEU A 206 6.18 -14.21 14.37
CA LEU A 206 5.39 -13.12 13.92
C LEU A 206 5.38 -13.21 12.37
N GLY A 207 4.24 -13.25 11.78
CA GLY A 207 4.27 -13.33 10.34
C GLY A 207 4.56 -12.03 9.64
N PHE A 208 4.48 -12.12 8.35
CA PHE A 208 4.57 -10.95 7.47
C PHE A 208 3.22 -10.25 7.29
N GLN A 209 3.27 -8.94 7.11
CA GLN A 209 2.07 -8.20 6.71
C GLN A 209 1.61 -8.66 5.33
N ALA A 210 0.29 -8.70 5.17
CA ALA A 210 -0.30 -8.82 3.85
C ALA A 210 -0.16 -7.52 3.08
N LEU A 211 -0.25 -7.63 1.77
CA LEU A 211 -0.23 -6.46 0.89
C LEU A 211 -1.52 -6.45 0.08
N ALA A 212 -1.94 -5.26 -0.37
CA ALA A 212 -2.99 -5.21 -1.37
C ALA A 212 -2.74 -4.02 -2.28
N THR A 213 -3.33 -4.07 -3.45
CA THR A 213 -3.09 -3.06 -4.48
C THR A 213 -4.27 -2.99 -5.45
N VAL A 214 -4.12 -2.17 -6.49
CA VAL A 214 -5.18 -1.92 -7.45
C VAL A 214 -4.59 -1.57 -8.78
N ARG A 215 -5.34 -1.87 -9.83
CA ARG A 215 -4.99 -1.50 -11.19
C ARG A 215 -6.28 -1.28 -11.95
N TRP A 216 -6.18 -0.59 -13.08
CA TRP A 216 -7.28 -0.58 -14.02
C TRP A 216 -7.46 -1.93 -14.69
N LYS A 217 -8.68 -2.37 -14.91
CA LYS A 217 -8.90 -3.52 -15.81
C LYS A 217 -8.55 -3.20 -17.27
O1 MES B . 5.25 2.70 11.55
C2 MES B . 6.52 2.75 12.18
C3 MES B . 7.55 3.16 11.12
N4 MES B . 7.61 2.18 10.02
C5 MES B . 6.26 1.85 9.51
C6 MES B . 5.21 1.68 10.58
C7 MES B . 8.60 2.61 9.01
C8 MES B . 8.87 1.53 7.91
S MES B . 10.00 2.04 6.73
O1S MES B . 9.43 3.18 6.07
O2S MES B . 10.09 0.85 5.75
O3S MES B . 11.15 2.34 7.44
C1 GOL C . -11.25 11.81 7.73
O1 GOL C . -10.58 11.75 6.46
C2 GOL C . -10.93 13.05 8.58
O2 GOL C . -9.59 12.91 9.05
C3 GOL C . -11.91 13.23 9.77
O3 GOL C . -11.90 12.16 10.76
#